data_5R5I
#
_entry.id   5R5I
#
_cell.length_a   49.560
_cell.length_b   52.430
_cell.length_c   101.810
_cell.angle_alpha   90.000
_cell.angle_beta   90.000
_cell.angle_gamma   90.000
#
_symmetry.space_group_name_H-M   'P 21 21 21'
#
loop_
_entity.id
_entity.type
_entity.pdbx_description
1 polymer 'Uridine diphosphate glucose pyrophosphatase NUDT22'
2 non-polymer 1-ethanoylpiperidine-4-carbonitrile
3 non-polymer 'DIMETHYL SULFOXIDE'
4 water water
#
_entity_poly.entity_id   1
_entity_poly.type   'polypeptide(L)'
_entity_poly.pdbx_seq_one_letter_code
;SMDPEVTLLLQCPGGGLPQEQIQAELSPAHDRRPLPGGDEAITAIWETRLKAQPWLFDAPKFRLHSATLAPIGSRGPQLL
LRLGLTSYRDFLGTNWSSSAAWLRQQGATDWGDTQAYLADPLGVGAALATADDFLVFLRRSRQVAEAPGLVDVPGGHPEP
QALCPGGSPQHQDLAGQLVVHELFSSVLQEICDEVNLPLLTLSQPLLLGIARNETSAGRASAEFYVQCSLTSEQVRKHYL
SGGPEAHESTGIFFVETQNVRRLPETEMWAELCPSAKGAIILYNRVQGSPTGAALGSPALLPPL
;
_entity_poly.pdbx_strand_id   A
#
# COMPACT_ATOMS: atom_id res chain seq x y z
N ASP A 3 -10.84 -14.29 -0.72
N ASP A 3 -10.02 -14.53 -0.18
CA ASP A 3 -10.39 -13.05 -1.41
CA ASP A 3 -10.30 -13.49 -1.21
C ASP A 3 -9.17 -13.37 -2.28
C ASP A 3 -9.15 -13.48 -2.22
N PRO A 4 -9.37 -13.99 -3.47
CA PRO A 4 -8.26 -14.32 -4.34
C PRO A 4 -7.55 -13.08 -4.87
N GLU A 5 -8.11 -11.87 -4.78
CA GLU A 5 -7.40 -10.73 -5.41
C GLU A 5 -6.35 -10.15 -4.45
N VAL A 6 -6.27 -10.62 -3.20
CA VAL A 6 -5.25 -10.10 -2.22
C VAL A 6 -4.54 -11.26 -1.46
N THR A 7 -3.20 -11.24 -1.42
CA THR A 7 -2.38 -12.20 -0.63
C THR A 7 -1.49 -11.44 0.36
N LEU A 8 -1.32 -11.95 1.58
CA LEU A 8 -0.44 -11.32 2.59
C LEU A 8 0.98 -11.82 2.39
N LEU A 9 1.93 -10.91 2.19
CA LEU A 9 3.37 -11.27 2.09
C LEU A 9 4.01 -11.20 3.49
N LEU A 10 3.59 -10.24 4.31
CA LEU A 10 4.18 -9.96 5.67
C LEU A 10 3.06 -9.54 6.62
N GLN A 11 3.01 -10.15 7.80
CA GLN A 11 2.23 -9.67 8.99
C GLN A 11 3.24 -9.26 10.07
N CYS A 12 3.27 -8.00 10.49
CA CYS A 12 4.27 -7.51 11.48
C CYS A 12 3.89 -7.94 12.89
N PRO A 13 4.91 -8.17 13.74
CA PRO A 13 4.68 -8.47 15.16
C PRO A 13 4.51 -7.22 16.03
N GLY A 14 4.12 -7.43 17.29
CA GLY A 14 4.09 -6.38 18.33
C GLY A 14 3.06 -5.29 18.12
N GLY A 15 2.02 -5.53 17.32
CA GLY A 15 1.01 -4.52 16.99
C GLY A 15 1.48 -3.61 15.86
N GLY A 16 2.65 -3.89 15.27
CA GLY A 16 3.21 -3.15 14.13
C GLY A 16 4.57 -2.58 14.43
N LEU A 17 5.40 -2.35 13.41
CA LEU A 17 6.82 -1.90 13.61
C LEU A 17 7.00 -0.40 13.38
N PRO A 18 7.69 0.30 14.32
CA PRO A 18 8.12 1.67 14.08
C PRO A 18 9.32 1.73 13.13
N GLN A 19 9.56 2.93 12.59
CA GLN A 19 10.66 3.25 11.65
C GLN A 19 12.02 2.72 12.16
N GLU A 20 12.29 2.89 13.47
CA GLU A 20 13.65 2.64 14.05
C GLU A 20 13.94 1.14 14.12
N GLN A 21 12.97 0.29 13.85
CA GLN A 21 13.18 -1.19 13.89
C GLN A 21 13.27 -1.79 12.48
N ILE A 22 13.34 -0.98 11.42
CA ILE A 22 13.38 -1.50 10.03
C ILE A 22 14.68 -1.07 9.33
N GLN A 23 15.29 -2.04 8.65
CA GLN A 23 16.47 -1.87 7.77
C GLN A 23 16.03 -2.02 6.31
N ALA A 24 16.62 -1.28 5.38
CA ALA A 24 16.41 -1.50 3.94
C ALA A 24 17.78 -1.77 3.30
N GLU A 25 17.80 -2.65 2.31
CA GLU A 25 18.95 -2.87 1.39
C GLU A 25 18.47 -2.45 -0.02
N LEU A 26 18.93 -1.32 -0.51
CA LEU A 26 18.58 -0.81 -1.87
C LEU A 26 19.76 -1.16 -2.80
N SER A 27 19.55 -2.09 -3.72
CA SER A 27 20.59 -2.78 -4.53
C SER A 27 20.11 -3.04 -5.94
N PRO A 28 20.95 -2.85 -6.99
CA PRO A 28 20.57 -3.25 -8.35
C PRO A 28 20.35 -4.77 -8.52
N ALA A 29 20.79 -5.61 -7.57
CA ALA A 29 20.47 -7.07 -7.52
C ALA A 29 18.95 -7.30 -7.33
N HIS A 30 18.20 -6.28 -6.85
CA HIS A 30 16.75 -6.34 -6.50
C HIS A 30 15.90 -5.75 -7.64
N ASP A 31 16.54 -5.43 -8.77
CA ASP A 31 15.81 -4.83 -9.92
C ASP A 31 15.07 -5.92 -10.69
N ARG A 32 14.10 -5.51 -11.52
CA ARG A 32 13.49 -6.34 -12.58
C ARG A 32 14.62 -6.87 -13.50
N ARG A 33 14.47 -8.09 -13.97
CA ARG A 33 15.35 -8.69 -15.01
C ARG A 33 14.88 -8.18 -16.37
N PRO A 34 15.82 -7.92 -17.31
CA PRO A 34 15.41 -7.55 -18.67
C PRO A 34 14.49 -8.60 -19.31
N LEU A 35 13.54 -8.19 -20.13
CA LEU A 35 12.58 -9.13 -20.76
C LEU A 35 13.31 -10.09 -21.70
N PRO A 36 12.80 -11.33 -21.86
CA PRO A 36 13.48 -12.34 -22.69
C PRO A 36 13.80 -11.90 -24.14
N GLY A 37 12.87 -11.19 -24.79
CA GLY A 37 13.02 -10.70 -26.17
C GLY A 37 13.52 -9.26 -26.18
N GLY A 38 13.84 -8.71 -25.01
CA GLY A 38 14.44 -7.36 -24.86
C GLY A 38 13.41 -6.37 -24.33
N ASP A 39 13.87 -5.30 -23.67
CA ASP A 39 13.01 -4.21 -23.11
C ASP A 39 12.45 -3.28 -24.21
N GLU A 40 12.76 -3.50 -25.48
CA GLU A 40 12.11 -2.80 -26.62
C GLU A 40 10.58 -2.91 -26.56
N ALA A 41 10.00 -4.01 -26.06
CA ALA A 41 8.54 -4.19 -25.91
C ALA A 41 7.95 -3.13 -24.95
N ILE A 42 8.68 -2.74 -23.90
CA ILE A 42 8.22 -1.70 -22.93
C ILE A 42 8.25 -0.33 -23.62
N THR A 43 9.36 -0.05 -24.29
CA THR A 43 9.59 1.17 -25.08
C THR A 43 8.46 1.37 -26.10
N ALA A 44 8.06 0.32 -26.82
CA ALA A 44 6.98 0.37 -27.86
C ALA A 44 5.63 0.79 -27.23
N ILE A 45 5.22 0.17 -26.10
CA ILE A 45 3.95 0.49 -25.38
C ILE A 45 3.98 1.97 -24.94
N TRP A 46 5.13 2.44 -24.47
CA TRP A 46 5.33 3.81 -23.92
C TRP A 46 5.14 4.83 -25.07
N GLU A 47 5.80 4.58 -26.20
CA GLU A 47 5.67 5.42 -27.42
C GLU A 47 4.22 5.54 -27.82
N THR A 48 3.47 4.42 -27.90
CA THR A 48 2.06 4.40 -28.33
C THR A 48 1.24 5.29 -27.39
N ARG A 49 1.51 5.17 -26.08
CA ARG A 49 0.79 5.90 -25.01
C ARG A 49 1.09 7.40 -25.14
N LEU A 50 2.35 7.80 -25.25
CA LEU A 50 2.74 9.25 -25.36
C LEU A 50 2.19 9.84 -26.66
N LYS A 51 2.07 9.07 -27.73
CA LYS A 51 1.54 9.64 -29.00
C LYS A 51 0.02 9.88 -28.91
N ALA A 52 -0.67 9.36 -27.90
CA ALA A 52 -2.10 9.61 -27.60
C ALA A 52 -2.26 10.64 -26.48
N GLN A 53 -1.36 10.61 -25.49
CA GLN A 53 -1.43 11.45 -24.25
C GLN A 53 -0.05 12.08 -24.02
N PRO A 54 0.36 13.10 -24.81
CA PRO A 54 1.75 13.59 -24.76
C PRO A 54 2.12 14.40 -23.51
N TRP A 55 1.15 14.72 -22.64
CA TRP A 55 1.34 15.38 -21.33
C TRP A 55 1.73 14.37 -20.23
N LEU A 56 1.73 13.07 -20.51
CA LEU A 56 2.16 12.06 -19.50
C LEU A 56 3.66 12.18 -19.27
N PHE A 57 4.14 11.83 -18.07
CA PHE A 57 5.60 11.82 -17.77
C PHE A 57 5.94 10.58 -16.95
N ASP A 58 7.17 10.09 -17.13
CA ASP A 58 7.75 8.96 -16.36
C ASP A 58 8.11 9.48 -14.96
N ALA A 59 8.27 8.57 -14.00
CA ALA A 59 8.77 8.86 -12.65
C ALA A 59 9.43 7.59 -12.11
N PRO A 60 10.53 7.71 -11.34
CA PRO A 60 11.13 6.56 -10.67
C PRO A 60 10.23 6.11 -9.51
N LYS A 61 10.35 4.83 -9.18
CA LYS A 61 9.55 4.19 -8.10
C LYS A 61 10.48 3.20 -7.36
N PHE A 62 10.16 2.83 -6.13
CA PHE A 62 10.84 1.68 -5.47
C PHE A 62 10.21 0.37 -5.97
N ARG A 63 11.03 -0.67 -6.09
CA ARG A 63 10.60 -2.06 -6.41
C ARG A 63 10.76 -2.91 -5.14
N LEU A 64 9.73 -3.67 -4.75
CA LEU A 64 9.87 -4.68 -3.67
C LEU A 64 10.41 -5.97 -4.28
N HIS A 65 11.58 -6.43 -3.82
CA HIS A 65 12.10 -7.80 -4.10
C HIS A 65 11.55 -8.79 -3.04
N SER A 66 11.72 -8.48 -1.75
CA SER A 66 11.36 -9.41 -0.64
C SER A 66 11.50 -8.68 0.70
N ALA A 67 10.96 -9.26 1.79
CA ALA A 67 10.98 -8.67 3.14
C ALA A 67 11.13 -9.80 4.15
N THR A 68 12.23 -9.84 4.92
CA THR A 68 12.51 -10.95 5.87
C THR A 68 12.34 -10.45 7.30
N LEU A 69 11.44 -11.09 8.06
CA LEU A 69 11.24 -10.79 9.51
C LEU A 69 12.26 -11.57 10.37
N ALA A 70 12.85 -10.89 11.38
CA ALA A 70 13.71 -11.50 12.41
C ALA A 70 12.90 -12.56 13.18
N PRO A 71 13.55 -13.49 13.91
CA PRO A 71 12.85 -14.36 14.87
C PRO A 71 12.04 -13.52 15.88
N ILE A 72 10.78 -13.87 16.14
CA ILE A 72 9.89 -13.05 17.02
C ILE A 72 10.51 -13.01 18.43
N GLY A 73 10.34 -11.85 19.07
CA GLY A 73 10.81 -11.60 20.44
C GLY A 73 12.27 -11.18 20.50
N SER A 74 12.97 -11.03 19.37
CA SER A 74 14.43 -10.74 19.37
C SER A 74 14.68 -9.24 19.61
N ARG A 75 15.90 -8.92 20.05
CA ARG A 75 16.42 -7.53 20.18
C ARG A 75 17.06 -7.15 18.83
N GLY A 76 17.25 -5.86 18.60
CA GLY A 76 17.85 -5.38 17.34
C GLY A 76 16.80 -5.22 16.24
N PRO A 77 17.24 -4.90 15.01
CA PRO A 77 16.34 -4.70 13.87
C PRO A 77 15.42 -5.89 13.61
N GLN A 78 14.15 -5.62 13.34
CA GLN A 78 13.11 -6.69 13.27
C GLN A 78 12.76 -7.02 11.81
N LEU A 79 13.06 -6.15 10.85
CA LEU A 79 12.68 -6.40 9.44
C LEU A 79 13.80 -5.93 8.52
N LEU A 80 14.08 -6.69 7.47
CA LEU A 80 14.93 -6.28 6.32
C LEU A 80 14.06 -6.20 5.06
N LEU A 81 13.91 -5.01 4.49
CA LEU A 81 13.27 -4.77 3.17
C LEU A 81 14.36 -4.78 2.11
N ARG A 82 14.26 -5.71 1.14
CA ARG A 82 15.12 -5.76 -0.06
C ARG A 82 14.39 -5.03 -1.19
N LEU A 83 14.97 -3.90 -1.61
CA LEU A 83 14.36 -2.95 -2.56
C LEU A 83 15.28 -2.77 -3.78
N GLY A 84 14.66 -2.59 -4.95
CA GLY A 84 15.34 -2.15 -6.17
C GLY A 84 14.71 -0.87 -6.68
N LEU A 85 15.04 -0.47 -7.90
CA LEU A 85 14.38 0.71 -8.55
C LEU A 85 13.63 0.24 -9.79
N THR A 86 12.52 0.90 -10.08
CA THR A 86 11.67 0.72 -11.30
C THR A 86 11.11 2.08 -11.72
N SER A 87 10.02 2.10 -12.49
CA SER A 87 9.45 3.37 -13.01
C SER A 87 8.00 3.14 -13.39
N TYR A 88 7.28 4.25 -13.59
CA TYR A 88 5.88 4.30 -14.10
C TYR A 88 5.79 3.72 -15.52
N ARG A 89 6.84 3.96 -16.32
CA ARG A 89 6.95 3.39 -17.72
C ARG A 89 7.06 1.87 -17.66
N ASP A 90 7.93 1.36 -16.80
CA ASP A 90 8.18 -0.09 -16.67
C ASP A 90 6.90 -0.80 -16.18
N PHE A 91 6.18 -0.17 -15.25
CA PHE A 91 4.86 -0.65 -14.74
C PHE A 91 3.84 -0.81 -15.89
N LEU A 92 3.80 0.20 -16.78
CA LEU A 92 2.79 0.21 -17.89
C LEU A 92 3.11 -0.91 -18.89
N GLY A 93 4.40 -1.21 -19.06
CA GLY A 93 4.88 -2.25 -19.99
C GLY A 93 4.88 -3.66 -19.41
N THR A 94 4.63 -3.86 -18.10
CA THR A 94 4.76 -5.21 -17.49
C THR A 94 3.49 -5.56 -16.71
N ASN A 95 3.37 -5.14 -15.46
CA ASN A 95 2.17 -5.43 -14.60
C ASN A 95 0.86 -5.04 -15.30
N TRP A 96 0.80 -3.89 -15.96
CA TRP A 96 -0.44 -3.35 -16.58
C TRP A 96 -0.70 -4.00 -17.94
N SER A 97 0.31 -4.63 -18.55
CA SER A 97 0.20 -5.23 -19.91
C SER A 97 -0.82 -6.40 -19.95
N SER A 98 -1.48 -6.58 -21.11
CA SER A 98 -2.42 -7.71 -21.33
C SER A 98 -1.69 -9.05 -21.17
N SER A 99 -0.37 -9.07 -21.39
N SER A 99 -0.38 -9.09 -21.40
CA SER A 99 0.48 -10.29 -21.36
CA SER A 99 0.45 -10.32 -21.36
C SER A 99 1.08 -10.56 -19.96
C SER A 99 1.10 -10.55 -19.98
N ALA A 100 0.72 -9.76 -18.94
CA ALA A 100 1.34 -9.85 -17.59
C ALA A 100 1.38 -11.32 -17.09
N ALA A 101 0.35 -12.14 -17.36
CA ALA A 101 0.34 -13.53 -16.87
C ALA A 101 1.42 -14.34 -17.61
N TRP A 102 1.67 -14.06 -18.90
CA TRP A 102 2.74 -14.74 -19.68
C TRP A 102 4.12 -14.41 -19.08
N LEU A 103 4.32 -13.16 -18.65
CA LEU A 103 5.60 -12.73 -18.02
C LEU A 103 5.78 -13.47 -16.70
N ARG A 104 4.71 -13.67 -15.92
CA ARG A 104 4.80 -14.42 -14.64
C ARG A 104 5.22 -15.88 -14.88
N GLN A 105 4.62 -16.55 -15.87
CA GLN A 105 4.96 -17.97 -16.20
C GLN A 105 6.43 -18.06 -16.67
N GLN A 106 6.86 -17.14 -17.53
N GLN A 106 6.87 -17.12 -17.50
CA GLN A 106 8.25 -17.08 -18.06
CA GLN A 106 8.25 -17.09 -18.06
C GLN A 106 9.23 -16.87 -16.90
C GLN A 106 9.26 -16.83 -16.92
N GLY A 107 8.89 -16.01 -15.94
CA GLY A 107 9.73 -15.77 -14.75
C GLY A 107 9.90 -17.04 -13.92
N ALA A 108 8.82 -17.80 -13.68
CA ALA A 108 8.86 -19.11 -13.01
C ALA A 108 9.83 -20.04 -13.75
N THR A 109 9.70 -20.13 -15.08
CA THR A 109 10.54 -21.02 -15.94
C THR A 109 12.03 -20.63 -15.83
N ASP A 110 12.35 -19.37 -16.10
CA ASP A 110 13.73 -18.88 -16.30
C ASP A 110 14.47 -18.64 -14.97
N TRP A 111 13.79 -18.14 -13.92
CA TRP A 111 14.44 -17.62 -12.69
C TRP A 111 13.88 -18.28 -11.42
N GLY A 112 12.93 -19.20 -11.53
CA GLY A 112 12.12 -19.70 -10.38
C GLY A 112 11.52 -18.58 -9.59
N ASP A 113 10.99 -17.54 -10.26
CA ASP A 113 10.47 -16.31 -9.58
C ASP A 113 9.39 -15.69 -10.45
N THR A 114 8.12 -15.85 -10.07
CA THR A 114 6.96 -15.37 -10.88
C THR A 114 7.09 -13.85 -11.13
N GLN A 115 7.81 -13.11 -10.28
CA GLN A 115 7.89 -11.63 -10.38
C GLN A 115 9.14 -11.14 -11.16
N ALA A 116 10.02 -12.03 -11.63
CA ALA A 116 11.38 -11.63 -12.10
C ALA A 116 11.29 -10.61 -13.25
N TYR A 117 10.29 -10.71 -14.12
CA TYR A 117 10.08 -9.84 -15.30
C TYR A 117 9.05 -8.73 -15.02
N LEU A 118 8.63 -8.51 -13.77
CA LEU A 118 7.60 -7.48 -13.44
C LEU A 118 8.24 -6.26 -12.74
N ALA A 119 7.78 -5.06 -13.08
CA ALA A 119 8.20 -3.79 -12.43
C ALA A 119 7.96 -3.84 -10.91
N ASP A 120 6.75 -4.21 -10.49
CA ASP A 120 6.33 -4.40 -9.08
C ASP A 120 6.64 -3.13 -8.26
N PRO A 121 6.18 -1.94 -8.70
CA PRO A 121 6.37 -0.71 -7.88
C PRO A 121 5.73 -0.86 -6.50
N LEU A 122 6.43 -0.42 -5.44
CA LEU A 122 5.93 -0.48 -4.04
C LEU A 122 4.94 0.67 -3.78
N GLY A 123 3.72 0.31 -3.37
CA GLY A 123 2.71 1.28 -2.89
C GLY A 123 2.77 1.47 -1.37
N VAL A 124 2.18 2.55 -0.85
CA VAL A 124 1.92 2.74 0.60
C VAL A 124 0.42 3.00 0.82
N GLY A 125 -0.13 2.49 1.90
CA GLY A 125 -1.54 2.75 2.29
C GLY A 125 -1.67 2.90 3.79
N ALA A 126 -2.74 3.53 4.26
CA ALA A 126 -2.94 3.72 5.71
C ALA A 126 -4.35 3.28 6.13
N ALA A 127 -4.43 2.51 7.22
CA ALA A 127 -5.58 2.50 8.14
C ALA A 127 -5.43 3.75 9.03
N LEU A 128 -6.23 4.78 8.73
CA LEU A 128 -6.17 6.09 9.40
C LEU A 128 -7.35 6.19 10.38
N ALA A 129 -7.06 6.23 11.67
CA ALA A 129 -8.11 6.19 12.72
C ALA A 129 -8.32 7.61 13.26
N THR A 130 -9.56 7.98 13.56
CA THR A 130 -9.93 9.31 14.16
C THR A 130 -9.92 9.23 15.71
N ALA A 131 -10.00 10.39 16.38
CA ALA A 131 -10.00 10.50 17.85
C ALA A 131 -11.27 9.85 18.42
N ASP A 132 -12.38 9.78 17.66
CA ASP A 132 -13.68 9.15 18.05
C ASP A 132 -13.87 7.71 17.50
N ASP A 133 -12.76 7.09 17.09
N ASP A 133 -12.77 7.08 17.04
CA ASP A 133 -12.58 5.63 16.78
CA ASP A 133 -12.70 5.60 16.83
C ASP A 133 -13.35 5.21 15.52
C ASP A 133 -13.32 5.15 15.48
N PHE A 134 -13.11 5.96 14.42
CA PHE A 134 -13.54 5.56 13.04
C PHE A 134 -12.29 5.36 12.19
N LEU A 135 -12.36 4.49 11.18
CA LEU A 135 -11.37 4.51 10.04
C LEU A 135 -11.90 5.33 8.86
N VAL A 136 -10.97 5.91 8.09
CA VAL A 136 -11.21 6.87 6.98
C VAL A 136 -11.19 6.15 5.65
N PHE A 137 -12.26 6.28 4.84
CA PHE A 137 -12.36 5.73 3.47
C PHE A 137 -12.58 6.84 2.42
N LEU A 138 -12.16 6.59 1.18
CA LEU A 138 -12.25 7.55 0.04
C LEU A 138 -12.89 6.86 -1.15
N ARG A 139 -13.70 7.58 -1.91
CA ARG A 139 -14.37 7.00 -3.11
C ARG A 139 -13.55 7.39 -4.31
N ARG A 140 -13.11 6.45 -5.15
CA ARG A 140 -12.31 6.71 -6.37
C ARG A 140 -13.23 7.25 -7.49
N SER A 141 -12.74 8.20 -8.27
CA SER A 141 -13.39 8.70 -9.51
C SER A 141 -13.79 7.53 -10.42
N ARG A 142 -14.92 7.64 -11.12
CA ARG A 142 -15.39 6.61 -12.10
C ARG A 142 -14.67 6.80 -13.44
N GLN A 143 -13.76 7.79 -13.55
CA GLN A 143 -13.09 8.17 -14.82
C GLN A 143 -11.56 7.91 -14.84
N VAL A 144 -11.04 7.22 -13.82
CA VAL A 144 -9.58 6.94 -13.64
C VAL A 144 -9.27 5.54 -14.20
N ALA A 145 -7.98 5.20 -14.29
CA ALA A 145 -7.45 3.95 -14.88
C ALA A 145 -7.63 2.78 -13.90
N GLU A 146 -7.08 2.91 -12.69
CA GLU A 146 -7.09 1.85 -11.65
C GLU A 146 -8.44 1.84 -10.92
N ALA A 147 -9.10 0.69 -10.87
CA ALA A 147 -10.27 0.40 -10.00
C ALA A 147 -11.22 1.60 -9.98
N PRO A 148 -11.78 2.01 -11.14
CA PRO A 148 -12.72 3.12 -11.18
C PRO A 148 -13.96 2.92 -10.32
N GLY A 149 -14.32 3.95 -9.56
CA GLY A 149 -15.55 3.98 -8.77
C GLY A 149 -15.47 3.11 -7.53
N LEU A 150 -14.30 2.54 -7.20
CA LEU A 150 -14.19 1.66 -6.01
C LEU A 150 -13.78 2.48 -4.76
N VAL A 151 -13.96 1.90 -3.60
CA VAL A 151 -13.53 2.45 -2.29
C VAL A 151 -12.03 2.23 -2.09
N ASP A 152 -11.30 3.24 -1.64
CA ASP A 152 -9.86 3.13 -1.31
C ASP A 152 -9.60 3.67 0.12
N VAL A 153 -8.36 3.53 0.57
CA VAL A 153 -7.87 4.22 1.80
C VAL A 153 -6.81 5.21 1.33
N PRO A 154 -6.35 6.17 2.16
CA PRO A 154 -5.28 7.10 1.75
C PRO A 154 -3.98 6.38 1.40
N GLY A 155 -3.27 6.85 0.38
CA GLY A 155 -1.98 6.25 -0.01
C GLY A 155 -1.52 6.72 -1.37
N GLY A 156 -0.42 6.14 -1.88
CA GLY A 156 0.13 6.44 -3.20
C GLY A 156 1.31 5.52 -3.50
N HIS A 157 2.14 5.89 -4.49
CA HIS A 157 3.37 5.16 -4.90
C HIS A 157 4.55 6.11 -4.81
N PRO A 158 5.35 6.08 -3.72
CA PRO A 158 6.42 7.04 -3.51
C PRO A 158 7.54 7.01 -4.56
N GLU A 159 8.03 8.20 -4.88
CA GLU A 159 9.13 8.48 -5.84
C GLU A 159 10.41 8.73 -5.04
N PRO A 160 11.45 7.88 -5.23
CA PRO A 160 12.79 8.11 -4.67
C PRO A 160 13.37 9.54 -4.83
N GLN A 161 14.12 10.01 -3.80
CA GLN A 161 14.63 11.40 -3.57
C GLN A 161 13.94 12.41 -4.48
N ASP A 173 22.81 -0.37 5.75
CA ASP A 173 21.68 0.52 6.16
C ASP A 173 22.12 1.99 6.03
N LEU A 174 23.14 2.31 5.24
CA LEU A 174 23.69 3.69 5.24
C LEU A 174 23.16 4.53 4.07
N ALA A 175 22.61 3.94 3.01
CA ALA A 175 21.56 4.61 2.19
C ALA A 175 20.17 4.11 2.66
N GLY A 176 20.11 2.90 3.24
CA GLY A 176 18.95 2.18 3.82
C GLY A 176 18.10 3.03 4.77
N GLN A 177 18.69 3.71 5.74
CA GLN A 177 17.91 4.42 6.80
C GLN A 177 17.21 5.63 6.15
N LEU A 178 17.81 6.21 5.11
CA LEU A 178 17.20 7.35 4.38
C LEU A 178 16.00 6.83 3.60
N VAL A 179 16.13 5.63 3.02
CA VAL A 179 15.01 5.01 2.25
C VAL A 179 13.85 4.69 3.21
N VAL A 180 14.11 4.07 4.35
CA VAL A 180 13.02 3.78 5.32
C VAL A 180 12.35 5.10 5.73
N HIS A 181 13.14 6.16 5.99
CA HIS A 181 12.59 7.49 6.35
C HIS A 181 11.65 8.02 5.24
N GLU A 182 12.03 7.92 3.96
N GLU A 182 12.06 7.87 3.97
CA GLU A 182 11.17 8.41 2.85
CA GLU A 182 11.28 8.30 2.78
C GLU A 182 9.88 7.55 2.77
C GLU A 182 9.94 7.54 2.74
N LEU A 183 9.94 6.24 3.05
CA LEU A 183 8.69 5.40 3.04
C LEU A 183 7.71 5.90 4.13
N PHE A 184 8.16 6.07 5.36
CA PHE A 184 7.29 6.51 6.48
C PHE A 184 6.79 7.96 6.22
N SER A 185 7.67 8.85 5.77
N SER A 185 7.65 8.85 5.74
CA SER A 185 7.35 10.25 5.41
CA SER A 185 7.27 10.26 5.46
C SER A 185 6.26 10.29 4.32
C SER A 185 6.29 10.36 4.29
N SER A 186 6.37 9.42 3.32
CA SER A 186 5.46 9.43 2.15
C SER A 186 4.03 9.09 2.57
N VAL A 187 3.80 8.18 3.51
CA VAL A 187 2.40 7.85 3.91
C VAL A 187 1.76 9.07 4.63
N LEU A 188 2.52 9.82 5.45
CA LEU A 188 2.01 11.08 6.08
C LEU A 188 1.75 12.14 5.00
N GLN A 189 2.66 12.30 4.04
CA GLN A 189 2.51 13.32 2.98
C GLN A 189 1.25 12.99 2.18
N GLU A 190 1.02 11.72 1.84
CA GLU A 190 -0.17 11.30 1.03
C GLU A 190 -1.45 11.62 1.83
N ILE A 191 -1.45 11.45 3.16
CA ILE A 191 -2.63 11.82 4.00
C ILE A 191 -2.82 13.35 3.97
N CYS A 192 -1.76 14.14 4.19
CA CYS A 192 -1.85 15.64 4.13
C CYS A 192 -2.33 16.10 2.73
N ASP A 193 -1.77 15.57 1.64
CA ASP A 193 -2.20 16.02 0.27
C ASP A 193 -3.65 15.66 -0.06
N GLU A 194 -4.14 14.47 0.27
CA GLU A 194 -5.45 13.99 -0.22
C GLU A 194 -6.56 14.31 0.80
N VAL A 195 -6.31 14.20 2.11
CA VAL A 195 -7.35 14.41 3.17
C VAL A 195 -7.29 15.87 3.62
N ASN A 196 -6.20 16.57 3.37
CA ASN A 196 -6.07 18.02 3.70
C ASN A 196 -5.91 18.20 5.23
N LEU A 197 -5.30 17.24 5.91
CA LEU A 197 -5.11 17.28 7.39
C LEU A 197 -3.79 17.98 7.69
N PRO A 198 -3.71 18.76 8.79
CA PRO A 198 -2.41 19.27 9.24
C PRO A 198 -1.50 18.11 9.70
N LEU A 199 -0.21 18.18 9.35
CA LEU A 199 0.80 17.14 9.70
C LEU A 199 0.86 16.95 11.20
N LEU A 200 0.69 18.04 11.98
CA LEU A 200 0.77 17.94 13.46
C LEU A 200 -0.45 17.24 14.07
N THR A 201 -1.48 16.86 13.31
CA THR A 201 -2.59 16.07 13.91
C THR A 201 -2.32 14.56 13.77
N LEU A 202 -1.22 14.15 13.11
CA LEU A 202 -0.92 12.71 12.78
C LEU A 202 0.16 12.12 13.71
N SER A 203 -0.01 10.88 14.18
CA SER A 203 1.00 10.05 14.88
C SER A 203 2.11 9.61 13.92
N GLN A 204 3.27 9.25 14.46
CA GLN A 204 4.27 8.49 13.64
C GLN A 204 3.63 7.18 13.20
N PRO A 205 3.77 6.80 11.92
CA PRO A 205 3.17 5.55 11.44
C PRO A 205 3.80 4.29 12.08
N LEU A 206 2.98 3.23 12.17
CA LEU A 206 3.47 1.85 12.42
C LEU A 206 3.23 1.00 11.17
N LEU A 207 4.22 0.22 10.77
CA LEU A 207 4.05 -0.73 9.64
C LEU A 207 3.25 -1.95 10.14
N LEU A 208 2.08 -2.22 9.53
CA LEU A 208 1.25 -3.42 9.87
C LEU A 208 1.72 -4.66 9.09
N GLY A 209 2.10 -4.49 7.81
CA GLY A 209 2.54 -5.59 6.94
C GLY A 209 2.61 -5.17 5.50
N ILE A 210 2.64 -6.17 4.60
CA ILE A 210 2.75 -5.98 3.14
C ILE A 210 1.71 -6.88 2.49
N ALA A 211 0.91 -6.33 1.58
CA ALA A 211 -0.14 -7.04 0.83
C ALA A 211 0.15 -6.98 -0.66
N ARG A 212 -0.16 -8.08 -1.39
CA ARG A 212 -0.02 -8.17 -2.86
C ARG A 212 -1.40 -8.08 -3.53
N ASN A 213 -1.50 -7.36 -4.66
CA ASN A 213 -2.66 -7.19 -5.55
C ASN A 213 -2.53 -8.19 -6.69
N GLU A 214 -3.23 -9.32 -6.63
CA GLU A 214 -3.18 -10.38 -7.67
C GLU A 214 -3.94 -9.95 -8.93
N THR A 215 -4.72 -8.87 -8.89
CA THR A 215 -5.39 -8.32 -10.11
C THR A 215 -4.43 -7.45 -10.90
N SER A 216 -3.32 -7.02 -10.30
CA SER A 216 -2.26 -6.24 -10.99
C SER A 216 -0.93 -7.03 -10.97
N ALA A 217 -1.02 -8.34 -11.26
CA ALA A 217 0.11 -9.27 -11.49
C ALA A 217 1.02 -9.36 -10.25
N GLY A 218 0.50 -9.09 -9.06
CA GLY A 218 1.25 -9.34 -7.81
C GLY A 218 2.04 -8.18 -7.22
N ARG A 219 1.86 -6.94 -7.71
CA ARG A 219 2.56 -5.77 -7.12
C ARG A 219 2.08 -5.57 -5.67
N ALA A 220 2.98 -5.10 -4.80
CA ALA A 220 2.80 -5.07 -3.33
C ALA A 220 2.65 -3.64 -2.82
N SER A 221 1.97 -3.49 -1.69
CA SER A 221 1.81 -2.22 -0.96
C SER A 221 2.15 -2.46 0.52
N ALA A 222 2.99 -1.60 1.10
CA ALA A 222 3.21 -1.52 2.55
C ALA A 222 2.00 -0.85 3.19
N GLU A 223 1.36 -1.49 4.20
CA GLU A 223 0.15 -0.97 4.85
C GLU A 223 0.50 -0.52 6.27
N PHE A 224 0.16 0.71 6.61
CA PHE A 224 0.54 1.38 7.89
C PHE A 224 -0.70 1.70 8.74
N TYR A 225 -0.54 1.85 10.06
CA TYR A 225 -1.57 2.40 10.99
C TYR A 225 -1.13 3.80 11.37
N VAL A 226 -2.03 4.77 11.23
CA VAL A 226 -1.79 6.18 11.63
C VAL A 226 -3.01 6.65 12.43
N GLN A 227 -2.75 7.29 13.57
N GLN A 227 -2.76 7.24 13.60
CA GLN A 227 -3.80 7.86 14.44
CA GLN A 227 -3.82 7.85 14.45
C GLN A 227 -3.86 9.37 14.21
C GLN A 227 -3.86 9.36 14.17
N CYS A 228 -5.07 9.94 14.15
CA CYS A 228 -5.29 11.38 14.01
C CYS A 228 -5.93 11.90 15.31
N SER A 229 -5.54 13.10 15.75
CA SER A 229 -6.07 13.70 17.00
C SER A 229 -7.42 14.40 16.75
N LEU A 230 -7.85 14.52 15.49
CA LEU A 230 -9.19 15.10 15.13
C LEU A 230 -10.28 14.00 15.15
N THR A 231 -11.52 14.39 15.46
CA THR A 231 -12.75 13.58 15.29
C THR A 231 -13.13 13.41 13.81
N SER A 232 -13.95 12.43 13.49
CA SER A 232 -14.49 12.22 12.12
C SER A 232 -15.12 13.52 11.58
N GLU A 233 -15.85 14.27 12.40
CA GLU A 233 -16.51 15.51 11.91
C GLU A 233 -15.45 16.53 11.49
N GLN A 234 -14.39 16.71 12.28
CA GLN A 234 -13.29 17.66 11.97
C GLN A 234 -12.53 17.17 10.73
N VAL A 235 -12.29 15.85 10.58
CA VAL A 235 -11.58 15.29 9.38
C VAL A 235 -12.39 15.63 8.11
N ARG A 236 -13.69 15.39 8.14
CA ARG A 236 -14.63 15.70 7.03
C ARG A 236 -14.52 17.18 6.67
N LYS A 237 -14.58 18.07 7.67
CA LYS A 237 -14.50 19.54 7.42
C LYS A 237 -13.21 19.86 6.66
N HIS A 238 -12.06 19.32 7.09
CA HIS A 238 -10.74 19.64 6.45
C HIS A 238 -10.71 19.15 5.00
N TYR A 239 -11.12 17.90 4.75
CA TYR A 239 -11.25 17.29 3.41
C TYR A 239 -12.13 18.20 2.53
N LEU A 240 -13.36 18.50 2.94
CA LEU A 240 -14.33 19.24 2.07
C LEU A 240 -13.85 20.67 1.82
N SER A 241 -13.15 21.28 2.78
CA SER A 241 -12.78 22.74 2.74
C SER A 241 -11.68 22.98 1.71
N GLY A 242 -11.06 21.93 1.17
CA GLY A 242 -10.09 22.06 0.07
C GLY A 242 -10.79 22.32 -1.27
N GLY A 243 -12.04 21.89 -1.41
CA GLY A 243 -12.83 22.03 -2.66
C GLY A 243 -12.51 20.92 -3.63
N PRO A 244 -13.28 20.77 -4.73
CA PRO A 244 -13.12 19.65 -5.67
C PRO A 244 -11.71 19.43 -6.24
N GLU A 245 -10.91 20.50 -6.39
CA GLU A 245 -9.53 20.48 -6.96
C GLU A 245 -8.45 20.09 -5.93
N ALA A 246 -8.76 20.04 -4.63
CA ALA A 246 -7.76 19.72 -3.59
C ALA A 246 -7.61 18.19 -3.43
N HIS A 247 -8.47 17.37 -4.03
CA HIS A 247 -8.38 15.89 -3.89
C HIS A 247 -8.69 15.17 -5.22
N GLU A 248 -8.11 13.99 -5.42
CA GLU A 248 -8.37 13.10 -6.59
C GLU A 248 -9.65 12.28 -6.34
N SER A 249 -9.92 11.88 -5.09
CA SER A 249 -11.16 11.16 -4.73
C SER A 249 -12.39 12.06 -4.94
N THR A 250 -13.61 11.48 -4.93
CA THR A 250 -14.89 12.21 -5.14
C THR A 250 -15.73 12.29 -3.85
N GLY A 251 -15.25 11.70 -2.76
CA GLY A 251 -16.00 11.65 -1.49
C GLY A 251 -15.18 10.97 -0.38
N ILE A 252 -15.54 11.25 0.87
CA ILE A 252 -14.92 10.71 2.12
C ILE A 252 -16.04 10.11 2.97
N PHE A 253 -15.77 9.03 3.71
CA PHE A 253 -16.76 8.45 4.64
C PHE A 253 -16.00 7.68 5.73
N PHE A 254 -16.70 7.29 6.79
CA PHE A 254 -16.09 6.76 8.05
C PHE A 254 -16.87 5.52 8.51
N VAL A 255 -16.16 4.49 9.00
CA VAL A 255 -16.76 3.25 9.57
C VAL A 255 -16.19 3.07 10.99
N GLU A 256 -17.05 2.81 11.98
CA GLU A 256 -16.59 2.63 13.38
C GLU A 256 -15.59 1.48 13.43
N THR A 257 -14.49 1.60 14.19
CA THR A 257 -13.52 0.49 14.32
C THR A 257 -14.25 -0.76 14.85
N GLN A 258 -15.30 -0.57 15.67
CA GLN A 258 -16.16 -1.70 16.12
C GLN A 258 -16.62 -2.53 14.91
N ASN A 259 -17.04 -1.88 13.83
CA ASN A 259 -17.71 -2.52 12.64
C ASN A 259 -16.68 -2.97 11.58
N VAL A 260 -15.44 -2.48 11.61
CA VAL A 260 -14.37 -2.92 10.66
C VAL A 260 -14.09 -4.42 10.86
N ARG A 261 -14.16 -4.90 12.10
CA ARG A 261 -14.01 -6.34 12.42
C ARG A 261 -14.81 -7.23 11.44
N ARG A 262 -16.05 -6.88 11.07
CA ARG A 262 -16.89 -7.79 10.22
C ARG A 262 -17.03 -7.21 8.80
N LEU A 263 -16.19 -6.26 8.39
CA LEU A 263 -16.33 -5.66 7.04
C LEU A 263 -16.33 -6.71 5.91
N PRO A 264 -15.53 -7.80 5.93
CA PRO A 264 -15.56 -8.80 4.85
C PRO A 264 -16.91 -9.52 4.68
N GLU A 265 -17.83 -9.34 5.64
CA GLU A 265 -19.20 -9.93 5.58
C GLU A 265 -20.22 -8.90 5.08
N THR A 266 -19.80 -7.67 4.78
CA THR A 266 -20.72 -6.55 4.38
C THR A 266 -20.77 -6.45 2.85
N GLU A 267 -21.77 -5.73 2.33
CA GLU A 267 -21.87 -5.37 0.89
C GLU A 267 -20.76 -4.38 0.51
N MET A 268 -20.16 -3.66 1.47
CA MET A 268 -19.01 -2.75 1.20
C MET A 268 -17.81 -3.54 0.63
N TRP A 269 -17.61 -4.78 1.04
CA TRP A 269 -16.36 -5.55 0.73
C TRP A 269 -16.18 -5.65 -0.79
N ALA A 270 -17.26 -5.88 -1.54
CA ALA A 270 -17.26 -6.03 -3.01
C ALA A 270 -16.90 -4.71 -3.70
N GLU A 271 -16.94 -3.59 -2.98
CA GLU A 271 -16.64 -2.25 -3.55
C GLU A 271 -15.21 -1.82 -3.20
N LEU A 272 -14.48 -2.54 -2.35
CA LEU A 272 -13.10 -2.14 -1.93
C LEU A 272 -12.08 -2.57 -3.00
N CYS A 273 -11.17 -1.70 -3.40
CA CYS A 273 -10.01 -2.07 -4.24
C CYS A 273 -9.07 -2.99 -3.43
N PRO A 274 -8.30 -3.86 -4.12
CA PRO A 274 -7.44 -4.85 -3.45
C PRO A 274 -6.47 -4.28 -2.40
N SER A 275 -5.86 -3.13 -2.66
CA SER A 275 -4.89 -2.56 -1.69
C SER A 275 -5.63 -2.08 -0.43
N ALA A 276 -6.85 -1.54 -0.54
CA ALA A 276 -7.66 -1.19 0.65
C ALA A 276 -8.12 -2.46 1.40
N LYS A 277 -8.43 -3.54 0.69
CA LYS A 277 -8.75 -4.84 1.36
C LYS A 277 -7.53 -5.31 2.17
N GLY A 278 -6.32 -5.15 1.61
CA GLY A 278 -5.06 -5.48 2.32
C GLY A 278 -4.92 -4.71 3.62
N ALA A 279 -5.10 -3.38 3.57
CA ALA A 279 -5.03 -2.49 4.75
C ALA A 279 -6.01 -2.94 5.84
N ILE A 280 -7.23 -3.28 5.50
CA ILE A 280 -8.29 -3.67 6.49
C ILE A 280 -7.99 -5.05 7.06
N ILE A 281 -7.61 -6.04 6.24
CA ILE A 281 -7.18 -7.39 6.77
C ILE A 281 -6.02 -7.21 7.77
N LEU A 282 -4.98 -6.46 7.43
CA LEU A 282 -3.80 -6.25 8.33
C LEU A 282 -4.21 -5.46 9.59
N TYR A 283 -5.06 -4.43 9.49
CA TYR A 283 -5.59 -3.71 10.67
C TYR A 283 -6.27 -4.72 11.60
N ASN A 284 -7.16 -5.55 11.07
CA ASN A 284 -7.94 -6.54 11.87
C ASN A 284 -7.00 -7.56 12.55
N ARG A 285 -5.93 -8.00 11.87
CA ARG A 285 -5.03 -9.07 12.42
C ARG A 285 -4.03 -8.49 13.41
N VAL A 286 -3.53 -7.27 13.15
CA VAL A 286 -2.37 -6.70 13.87
C VAL A 286 -2.81 -5.71 14.95
N GLN A 287 -3.76 -4.79 14.70
CA GLN A 287 -4.24 -3.84 15.73
C GLN A 287 -5.49 -4.41 16.43
N GLY A 288 -6.43 -5.00 15.70
CA GLY A 288 -7.53 -5.78 16.32
C GLY A 288 -6.97 -7.11 16.85
N SER A 289 -7.85 -8.11 17.06
CA SER A 289 -7.49 -9.50 17.49
C SER A 289 -6.64 -9.45 18.76
N PRO A 290 -7.24 -9.06 19.92
CA PRO A 290 -6.49 -8.91 21.17
C PRO A 290 -5.98 -10.29 21.66
N THR A 291 -4.88 -10.30 22.41
CA THR A 291 -4.18 -11.53 22.89
C THR A 291 -4.35 -11.68 24.41
N GLY A 292 -4.75 -10.64 25.15
CA GLY A 292 -4.74 -10.61 26.63
C GLY A 292 -6.11 -10.91 27.24
N ALA A 293 -6.15 -11.17 28.55
CA ALA A 293 -7.36 -11.61 29.30
C ALA A 293 -8.44 -10.50 29.29
N ALA A 294 -8.05 -9.25 29.56
CA ALA A 294 -8.96 -8.08 29.62
C ALA A 294 -9.67 -7.84 28.28
N LEU A 295 -8.93 -7.53 27.19
CA LEU A 295 -9.55 -7.16 25.87
C LEU A 295 -10.18 -8.40 25.23
N GLY A 296 -9.75 -9.61 25.62
CA GLY A 296 -10.26 -10.89 25.10
C GLY A 296 -11.51 -11.39 25.81
N SER A 297 -11.92 -10.75 26.92
CA SER A 297 -13.14 -11.09 27.71
C SER A 297 -14.38 -10.94 26.81
N PRO A 298 -15.42 -11.81 26.92
CA PRO A 298 -16.56 -11.79 25.99
C PRO A 298 -17.35 -10.47 25.80
N ALA A 299 -17.53 -9.67 26.86
CA ALA A 299 -18.24 -8.35 26.77
C ALA A 299 -17.46 -7.37 25.89
N LEU A 300 -16.12 -7.45 25.85
CA LEU A 300 -15.27 -6.54 25.01
C LEU A 300 -14.97 -7.20 23.65
N LEU A 301 -14.96 -8.54 23.54
CA LEU A 301 -14.73 -9.25 22.24
C LEU A 301 -15.90 -10.18 22.02
N PRO A 302 -17.04 -9.65 21.51
CA PRO A 302 -18.26 -10.43 21.37
C PRO A 302 -18.04 -11.62 20.42
N PRO A 303 -18.46 -12.84 20.80
CA PRO A 303 -18.37 -14.02 19.92
C PRO A 303 -19.20 -13.91 18.61
N LEU A 304 -18.62 -14.33 17.48
CA LEU A 304 -19.25 -14.64 16.17
C LEU A 304 -18.79 -13.64 15.11
#